data_3PUN
#
_entry.id   3PUN
#
_cell.length_a   67.168
_cell.length_b   96.123
_cell.length_c   101.981
_cell.angle_alpha   90.000
_cell.angle_beta   90.000
_cell.angle_gamma   90.000
#
_symmetry.space_group_name_H-M   'P 21 21 21'
#
loop_
_entity.id
_entity.type
_entity.pdbx_description
1 polymer Capsid
2 branched alpha-L-fucopyranose-(1-2)-beta-D-galactopyranose-(1-4)-[alpha-L-fucopyranose-(1-3)]2-acetamido-2-deoxy-alpha-D-glucopyranose
3 water water
#
_entity_poly.entity_id   1
_entity_poly.type   'polypeptide(L)'
_entity_poly.pdbx_seq_one_letter_code
;SKTKAFTIPVLKISEMTNSRFPVPVDQMYTSRSEGIVVQPQNGRATIDGELLGTTLVSPVSVCNFKGNLQAEVPGQHQLY
QLQLTNLDGSPIDPTDDTPGPLGCPDFTGLLYGVASQRGPGDATRAHEARIDTGSDTFAPKIGQVRFYSTSSDFETNQPT
HFTPIGIYIEGNSSDFNQWQLPRYGGHLANNNHLAPAVSPLFPGEQILFFRSFIPGASGHTNGEMDCLLPQEFVQHFYQE
AATARSEVALLRFVNPDTGRALFESKLHKQGFMTIASSGDHPIIMPTNGYFRFEAWVNQFYSLAPVGTGSGRRRIQ
;
_entity_poly.pdbx_strand_id   A,B
#
# COMPACT_ATOMS: atom_id res chain seq x y z
N ALA A 5 -21.26 19.11 2.34
CA ALA A 5 -20.62 19.51 1.09
C ALA A 5 -19.72 18.39 0.55
N PHE A 6 -20.06 17.88 -0.63
CA PHE A 6 -19.33 16.77 -1.23
C PHE A 6 -17.97 17.23 -1.77
N THR A 7 -16.92 16.48 -1.43
CA THR A 7 -15.60 16.80 -1.92
C THR A 7 -14.86 15.57 -2.41
N ILE A 8 -13.86 15.82 -3.26
CA ILE A 8 -12.88 14.86 -3.76
C ILE A 8 -11.50 15.25 -3.27
N PRO A 9 -10.69 14.31 -2.81
CA PRO A 9 -9.34 14.73 -2.40
C PRO A 9 -8.54 15.26 -3.61
N VAL A 10 -7.70 16.26 -3.38
CA VAL A 10 -6.85 16.82 -4.43
C VAL A 10 -5.63 15.92 -4.61
N LEU A 11 -5.59 15.19 -5.72
CA LEU A 11 -4.53 14.22 -5.97
C LEU A 11 -4.19 14.22 -7.45
N LYS A 12 -2.90 14.26 -7.76
CA LYS A 12 -2.46 14.06 -9.13
C LYS A 12 -2.64 12.58 -9.46
N ILE A 13 -2.70 12.25 -10.75
CA ILE A 13 -2.79 10.86 -11.15
C ILE A 13 -1.64 10.08 -10.52
N SER A 14 -0.48 10.71 -10.44
CA SER A 14 0.74 10.07 -9.94
C SER A 14 0.79 9.94 -8.42
N GLU A 15 -0.25 10.43 -7.75
CA GLU A 15 -0.34 10.26 -6.30
C GLU A 15 -1.42 9.24 -5.93
N MET A 16 -2.11 8.71 -6.94
CA MET A 16 -3.18 7.76 -6.71
C MET A 16 -2.68 6.32 -6.60
N THR A 17 -3.39 5.54 -5.79
CA THR A 17 -3.11 4.12 -5.60
C THR A 17 -4.20 3.27 -6.26
N ASN A 18 -3.81 2.23 -6.97
CA ASN A 18 -4.77 1.31 -7.56
C ASN A 18 -5.53 0.57 -6.45
N SER A 19 -6.85 0.44 -6.63
CA SER A 19 -7.69 -0.18 -5.61
C SER A 19 -7.82 -1.69 -5.83
N ARG A 20 -7.27 -2.21 -6.93
CA ARG A 20 -7.36 -3.64 -7.22
C ARG A 20 -6.01 -4.36 -7.10
N PHE A 21 -4.94 -3.60 -6.88
CA PHE A 21 -3.61 -4.18 -6.70
C PHE A 21 -2.76 -3.12 -6.01
N PRO A 22 -1.95 -3.53 -5.01
CA PRO A 22 -1.29 -2.54 -4.15
C PRO A 22 -0.11 -1.83 -4.80
N VAL A 23 -0.38 -1.02 -5.82
CA VAL A 23 0.65 -0.26 -6.52
C VAL A 23 0.09 1.09 -6.99
N PRO A 24 0.98 2.05 -7.31
CA PRO A 24 0.46 3.34 -7.77
C PRO A 24 -0.30 3.20 -9.08
N VAL A 25 -1.22 4.13 -9.29
CA VAL A 25 -1.87 4.29 -10.59
C VAL A 25 -0.83 4.84 -11.55
N ASP A 26 -0.85 4.34 -12.77
CA ASP A 26 0.08 4.77 -13.80
C ASP A 26 -0.52 5.79 -14.75
N GLN A 27 -1.78 5.59 -15.13
CA GLN A 27 -2.40 6.52 -16.06
C GLN A 27 -3.91 6.36 -16.00
N MET A 28 -4.62 7.39 -16.44
CA MET A 28 -6.04 7.23 -16.70
C MET A 28 -6.18 6.53 -18.05
N TYR A 29 -7.25 5.78 -18.22
CA TYR A 29 -7.45 4.99 -19.42
C TYR A 29 -8.94 4.81 -19.66
N THR A 30 -9.33 4.76 -20.93
CA THR A 30 -10.73 4.53 -21.27
C THR A 30 -10.85 3.48 -22.35
N SER A 31 -11.98 2.78 -22.39
CA SER A 31 -12.17 1.67 -23.31
C SER A 31 -13.64 1.49 -23.66
N ARG A 32 -13.89 0.90 -24.82
CA ARG A 32 -15.24 0.53 -25.21
C ARG A 32 -15.67 -0.72 -24.42
N SER A 33 -14.68 -1.44 -23.91
CA SER A 33 -14.94 -2.70 -23.21
C SER A 33 -15.81 -3.62 -24.07
N GLU A 34 -15.53 -3.71 -25.36
CA GLU A 34 -16.33 -4.54 -26.27
C GLU A 34 -16.25 -5.97 -25.79
N GLY A 35 -17.40 -6.58 -25.62
CA GLY A 35 -17.47 -8.00 -25.30
C GLY A 35 -16.89 -8.37 -23.96
N ILE A 36 -17.02 -7.47 -22.99
CA ILE A 36 -16.44 -7.66 -21.66
C ILE A 36 -17.42 -7.17 -20.60
N VAL A 37 -17.56 -7.94 -19.53
CA VAL A 37 -18.37 -7.50 -18.40
C VAL A 37 -17.46 -6.91 -17.34
N VAL A 38 -17.62 -5.62 -17.07
CA VAL A 38 -16.81 -4.96 -16.05
C VAL A 38 -17.46 -5.11 -14.68
N GLN A 39 -16.95 -6.03 -13.88
CA GLN A 39 -17.54 -6.30 -12.58
C GLN A 39 -16.44 -6.57 -11.55
N PRO A 40 -15.52 -5.62 -11.37
CA PRO A 40 -14.45 -5.80 -10.36
C PRO A 40 -15.08 -5.79 -8.98
N GLN A 41 -14.47 -6.46 -8.03
CA GLN A 41 -15.03 -6.56 -6.69
C GLN A 41 -14.22 -5.74 -5.69
N ASN A 42 -12.98 -5.44 -6.04
CA ASN A 42 -12.20 -4.50 -5.25
C ASN A 42 -12.28 -3.11 -5.88
N GLY A 43 -12.08 -2.08 -5.06
CA GLY A 43 -12.23 -0.71 -5.53
C GLY A 43 -13.69 -0.35 -5.81
N ARG A 44 -14.59 -0.91 -5.01
CA ARG A 44 -16.01 -0.66 -5.16
C ARG A 44 -16.53 0.06 -3.91
N ALA A 45 -16.96 1.29 -4.07
CA ALA A 45 -17.55 2.05 -2.98
C ALA A 45 -18.52 3.06 -3.57
N THR A 46 -19.70 3.21 -2.96
CA THR A 46 -20.63 4.23 -3.42
C THR A 46 -20.08 5.58 -2.98
N ILE A 47 -20.47 6.65 -3.66
CA ILE A 47 -19.90 7.96 -3.31
C ILE A 47 -20.37 8.41 -1.93
N ASP A 48 -21.39 7.76 -1.39
CA ASP A 48 -21.77 8.06 0.00
C ASP A 48 -21.09 7.15 1.02
N GLY A 49 -20.11 6.38 0.56
CA GLY A 49 -19.21 5.71 1.49
C GLY A 49 -19.54 4.28 1.90
N GLU A 50 -20.42 3.61 1.16
CA GLU A 50 -20.69 2.20 1.38
C GLU A 50 -19.74 1.31 0.58
N LEU A 51 -18.95 0.48 1.26
CA LEU A 51 -18.03 -0.44 0.58
C LEU A 51 -18.77 -1.64 -0.01
N LEU A 52 -18.49 -1.97 -1.27
CA LEU A 52 -19.12 -3.10 -1.93
C LEU A 52 -18.13 -4.21 -2.24
N GLY A 53 -18.64 -5.36 -2.66
CA GLY A 53 -17.81 -6.46 -3.09
C GLY A 53 -16.90 -6.94 -1.97
N THR A 54 -15.61 -7.04 -2.28
CA THR A 54 -14.61 -7.45 -1.29
C THR A 54 -13.76 -6.25 -0.90
N THR A 55 -14.30 -5.05 -1.10
CA THR A 55 -13.52 -3.83 -0.92
C THR A 55 -13.23 -3.49 0.54
N LEU A 56 -11.96 -3.31 0.88
CA LEU A 56 -11.57 -2.80 2.18
C LEU A 56 -10.90 -1.43 2.03
N VAL A 57 -10.66 -0.74 3.14
CA VAL A 57 -10.08 0.61 3.05
C VAL A 57 -8.56 0.64 3.08
N SER A 58 -7.94 -0.34 3.74
CA SER A 58 -6.47 -0.40 3.74
C SER A 58 -5.96 -0.46 2.30
N PRO A 59 -5.02 0.43 1.94
CA PRO A 59 -4.48 0.52 0.57
C PRO A 59 -3.35 -0.46 0.26
N VAL A 60 -2.89 -1.19 1.27
CA VAL A 60 -1.78 -2.13 1.10
C VAL A 60 -2.19 -3.61 1.27
N SER A 61 -3.50 -3.89 1.34
CA SER A 61 -3.97 -5.23 1.68
C SER A 61 -4.56 -6.03 0.53
N VAL A 62 -5.04 -5.35 -0.51
CA VAL A 62 -5.71 -6.04 -1.61
C VAL A 62 -4.75 -7.05 -2.26
N CYS A 63 -5.25 -8.24 -2.58
CA CYS A 63 -4.46 -9.35 -3.14
C CYS A 63 -3.47 -10.00 -2.16
N ASN A 64 -3.53 -9.62 -0.89
CA ASN A 64 -2.76 -10.30 0.15
C ASN A 64 -3.58 -11.44 0.72
N PHE A 65 -2.89 -12.46 1.23
CA PHE A 65 -3.56 -13.53 1.98
C PHE A 65 -2.82 -13.80 3.29
N LYS A 66 -3.56 -14.28 4.30
CA LYS A 66 -2.99 -14.61 5.60
C LYS A 66 -3.65 -15.92 6.08
N GLY A 67 -2.90 -16.75 6.80
CA GLY A 67 -3.51 -17.92 7.42
C GLY A 67 -2.55 -18.98 7.88
N ASN A 68 -3.11 -20.12 8.31
CA ASN A 68 -2.28 -21.22 8.76
C ASN A 68 -1.82 -22.10 7.61
N LEU A 69 -0.57 -22.51 7.64
CA LEU A 69 -0.07 -23.48 6.67
C LEU A 69 -0.48 -24.87 7.13
N GLN A 70 -1.65 -25.31 6.69
CA GLN A 70 -2.24 -26.54 7.17
C GLN A 70 -1.40 -27.78 6.84
N ALA A 71 -1.01 -27.90 5.58
CA ALA A 71 -0.26 -29.08 5.14
C ALA A 71 0.21 -28.96 3.69
N GLU A 72 1.18 -29.79 3.32
CA GLU A 72 1.51 -29.98 1.90
C GLU A 72 0.45 -30.91 1.34
N VAL A 73 -0.15 -30.51 0.23
CA VAL A 73 -1.22 -31.29 -0.37
C VAL A 73 -0.68 -32.63 -0.87
N PRO A 74 -1.36 -33.73 -0.50
CA PRO A 74 -0.99 -35.10 -0.85
C PRO A 74 -0.86 -35.31 -2.36
N GLY A 75 0.26 -35.88 -2.80
CA GLY A 75 0.46 -36.23 -4.19
C GLY A 75 0.88 -35.08 -5.09
N GLN A 76 1.22 -33.94 -4.49
CA GLN A 76 1.70 -32.81 -5.27
C GLN A 76 2.90 -32.13 -4.63
N HIS A 77 3.94 -31.94 -5.43
CA HIS A 77 5.21 -31.49 -4.89
C HIS A 77 5.20 -29.99 -4.57
N GLN A 78 5.34 -29.67 -3.30
CA GLN A 78 5.45 -28.29 -2.87
C GLN A 78 4.24 -27.44 -3.29
N LEU A 79 3.06 -28.03 -3.15
CA LEU A 79 1.81 -27.29 -3.20
C LEU A 79 1.29 -27.28 -1.78
N TYR A 80 1.06 -26.09 -1.24
CA TYR A 80 0.76 -25.95 0.18
C TYR A 80 -0.65 -25.44 0.41
N GLN A 81 -1.34 -26.07 1.36
CA GLN A 81 -2.70 -25.69 1.69
C GLN A 81 -2.75 -24.67 2.82
N LEU A 82 -3.34 -23.51 2.53
CA LEU A 82 -3.64 -22.52 3.56
C LEU A 82 -5.03 -22.71 4.14
N GLN A 83 -5.17 -22.43 5.44
CA GLN A 83 -6.46 -22.21 6.08
C GLN A 83 -6.50 -20.71 6.43
N LEU A 84 -7.18 -19.95 5.60
CA LEU A 84 -7.15 -18.49 5.68
C LEU A 84 -7.74 -17.97 6.99
N THR A 85 -7.21 -16.85 7.47
CA THR A 85 -7.98 -15.99 8.35
C THR A 85 -8.27 -14.76 7.50
N ASN A 86 -9.08 -13.84 8.01
CA ASN A 86 -9.20 -12.54 7.38
C ASN A 86 -7.90 -11.79 7.54
N LEU A 87 -7.67 -10.80 6.68
CA LEU A 87 -6.38 -10.12 6.69
C LEU A 87 -6.15 -9.34 7.99
N ASP A 88 -7.23 -9.00 8.69
CA ASP A 88 -7.09 -8.32 9.97
C ASP A 88 -6.98 -9.32 11.12
N GLY A 89 -6.88 -10.60 10.79
CA GLY A 89 -6.72 -11.63 11.79
C GLY A 89 -8.01 -12.29 12.24
N SER A 90 -9.14 -11.60 12.10
CA SER A 90 -10.43 -12.20 12.46
C SER A 90 -10.62 -13.47 11.66
N PRO A 91 -11.45 -14.38 12.15
CA PRO A 91 -11.61 -15.65 11.44
C PRO A 91 -12.43 -15.45 10.15
N ILE A 92 -12.21 -16.32 9.17
CA ILE A 92 -13.04 -16.33 7.97
C ILE A 92 -14.45 -16.72 8.38
N ASP A 93 -15.44 -16.02 7.87
CA ASP A 93 -16.83 -16.37 8.15
C ASP A 93 -17.65 -16.39 6.87
N PRO A 94 -17.84 -17.59 6.33
CA PRO A 94 -18.54 -17.77 5.04
C PRO A 94 -20.00 -17.32 5.02
N THR A 95 -20.55 -16.93 6.16
CA THR A 95 -21.91 -16.38 6.19
C THR A 95 -21.91 -14.88 5.86
N ASP A 96 -20.73 -14.27 5.81
CA ASP A 96 -20.63 -12.84 5.49
C ASP A 96 -21.32 -12.55 4.17
N ASP A 97 -21.97 -11.38 4.09
CA ASP A 97 -22.62 -10.95 2.87
C ASP A 97 -21.62 -10.42 1.85
N THR A 98 -20.58 -11.18 1.57
CA THR A 98 -19.53 -10.82 0.61
C THR A 98 -19.21 -11.99 -0.30
N PRO A 99 -18.68 -11.71 -1.51
CA PRO A 99 -18.33 -12.81 -2.43
C PRO A 99 -17.22 -13.68 -1.86
N GLY A 100 -16.30 -13.03 -1.15
CA GLY A 100 -15.17 -13.71 -0.54
C GLY A 100 -14.58 -12.78 0.49
N PRO A 101 -13.47 -13.19 1.13
CA PRO A 101 -12.87 -12.33 2.15
C PRO A 101 -12.38 -11.01 1.55
N LEU A 102 -12.50 -9.94 2.32
CA LEU A 102 -12.10 -8.61 1.86
C LEU A 102 -10.64 -8.62 1.37
N GLY A 103 -10.39 -7.95 0.25
CA GLY A 103 -9.07 -7.89 -0.32
C GLY A 103 -8.76 -9.05 -1.25
N CYS A 104 -9.65 -10.04 -1.30
CA CYS A 104 -9.44 -11.18 -2.19
C CYS A 104 -9.28 -10.75 -3.65
N PRO A 105 -8.32 -11.37 -4.39
CA PRO A 105 -8.18 -11.02 -5.81
C PRO A 105 -9.52 -11.13 -6.52
N ASP A 106 -9.83 -10.22 -7.43
CA ASP A 106 -11.10 -10.30 -8.18
C ASP A 106 -10.86 -10.62 -9.66
N PHE A 107 -9.81 -11.37 -9.94
CA PHE A 107 -9.48 -11.75 -11.31
C PHE A 107 -8.90 -13.16 -11.32
N THR A 108 -8.89 -13.77 -12.50
CA THR A 108 -8.29 -15.08 -12.67
C THR A 108 -6.92 -14.94 -13.33
N GLY A 109 -5.94 -15.66 -12.78
CA GLY A 109 -4.59 -15.60 -13.30
C GLY A 109 -3.65 -16.32 -12.36
N LEU A 110 -2.37 -16.36 -12.73
CA LEU A 110 -1.34 -16.90 -11.84
C LEU A 110 -0.75 -15.77 -11.02
N LEU A 111 -1.31 -15.54 -9.84
CA LEU A 111 -0.86 -14.46 -8.97
C LEU A 111 0.51 -14.80 -8.38
N TYR A 112 1.52 -13.97 -8.69
CA TYR A 112 2.88 -14.18 -8.22
C TYR A 112 3.18 -13.30 -7.01
N GLY A 113 3.86 -13.86 -6.02
CA GLY A 113 4.19 -13.11 -4.84
C GLY A 113 5.18 -13.88 -3.99
N VAL A 114 5.18 -13.61 -2.68
CA VAL A 114 6.09 -14.29 -1.78
C VAL A 114 5.31 -14.76 -0.56
N ALA A 115 5.47 -16.04 -0.21
CA ALA A 115 4.91 -16.59 1.01
C ALA A 115 5.95 -16.50 2.12
N SER A 116 5.58 -15.84 3.22
CA SER A 116 6.49 -15.68 4.34
C SER A 116 5.89 -16.28 5.61
N GLN A 117 6.76 -16.69 6.53
CA GLN A 117 6.35 -17.24 7.81
C GLN A 117 7.18 -16.69 8.95
N ARG A 118 6.54 -16.57 10.11
CA ARG A 118 7.22 -16.26 11.37
C ARG A 118 6.77 -17.28 12.40
N GLY A 119 7.72 -18.09 12.85
CA GLY A 119 7.42 -19.17 13.78
C GLY A 119 8.21 -20.42 13.40
N PRO A 120 8.54 -21.28 14.37
CA PRO A 120 8.25 -21.14 15.80
C PRO A 120 9.08 -20.00 16.40
N GLY A 121 8.60 -19.41 17.48
CA GLY A 121 9.29 -18.28 18.08
C GLY A 121 9.44 -17.17 17.05
N ASP A 122 10.63 -16.60 16.95
CA ASP A 122 10.85 -15.52 15.99
C ASP A 122 11.67 -15.98 14.78
N ALA A 123 11.61 -17.27 14.47
CA ALA A 123 12.29 -17.79 13.28
C ALA A 123 11.46 -17.47 12.05
N THR A 124 12.12 -17.07 10.97
CA THR A 124 11.38 -16.66 9.78
C THR A 124 11.92 -17.28 8.50
N ARG A 125 11.07 -17.28 7.47
CA ARG A 125 11.47 -17.73 6.15
C ARG A 125 10.46 -17.23 5.13
N ALA A 126 10.93 -16.96 3.91
CA ALA A 126 10.03 -16.57 2.83
C ALA A 126 10.58 -17.03 1.50
N HIS A 127 9.69 -17.42 0.58
CA HIS A 127 10.08 -17.81 -0.75
C HIS A 127 9.03 -17.43 -1.77
N GLU A 128 9.39 -17.47 -3.03
CA GLU A 128 8.51 -17.15 -4.11
C GLU A 128 7.35 -18.12 -4.14
N ALA A 129 6.17 -17.63 -4.43
CA ALA A 129 4.98 -18.44 -4.39
C ALA A 129 4.02 -17.96 -5.49
N ARG A 130 3.15 -18.86 -5.92
CA ARG A 130 2.15 -18.57 -6.95
C ARG A 130 0.80 -19.11 -6.53
N ILE A 131 -0.23 -18.29 -6.68
CA ILE A 131 -1.59 -18.71 -6.41
C ILE A 131 -2.40 -18.61 -7.71
N ASP A 132 -2.95 -19.73 -8.15
CA ASP A 132 -3.76 -19.76 -9.36
C ASP A 132 -5.21 -19.48 -8.99
N THR A 133 -5.64 -18.23 -9.18
CA THR A 133 -6.98 -17.83 -8.78
C THR A 133 -8.04 -18.43 -9.71
N GLY A 134 -7.60 -19.10 -10.76
CA GLY A 134 -8.51 -19.73 -11.71
C GLY A 134 -8.69 -21.23 -11.46
N SER A 135 -7.96 -21.79 -10.50
CA SER A 135 -8.01 -23.23 -10.28
C SER A 135 -9.25 -23.67 -9.51
N ASP A 136 -9.70 -24.88 -9.78
CA ASP A 136 -10.87 -25.46 -9.13
C ASP A 136 -10.89 -25.33 -7.61
N THR A 137 -9.75 -25.59 -6.97
CA THR A 137 -9.71 -25.61 -5.50
C THR A 137 -9.48 -24.24 -4.83
N PHE A 138 -9.31 -23.20 -5.64
CA PHE A 138 -9.28 -21.83 -5.12
C PHE A 138 -10.65 -21.44 -4.56
N ALA A 139 -10.76 -21.42 -3.24
CA ALA A 139 -12.04 -21.19 -2.57
C ALA A 139 -11.86 -20.32 -1.31
N PRO A 140 -11.43 -19.06 -1.50
CA PRO A 140 -11.14 -18.16 -0.38
C PRO A 140 -12.40 -17.87 0.44
N LYS A 141 -13.56 -17.88 -0.21
CA LYS A 141 -14.81 -17.68 0.51
C LYS A 141 -14.87 -18.53 1.77
N ILE A 142 -14.35 -19.76 1.69
CA ILE A 142 -14.37 -20.66 2.84
C ILE A 142 -12.97 -20.92 3.36
N GLY A 143 -12.04 -20.02 3.03
CA GLY A 143 -10.71 -20.07 3.60
C GLY A 143 -9.78 -21.09 2.98
N GLN A 144 -10.13 -21.58 1.80
CA GLN A 144 -9.31 -22.61 1.15
C GLN A 144 -8.53 -22.08 -0.05
N VAL A 145 -7.24 -21.91 0.15
CA VAL A 145 -6.34 -21.45 -0.90
C VAL A 145 -5.04 -22.21 -0.83
N ARG A 146 -4.53 -22.62 -1.98
CA ARG A 146 -3.22 -23.25 -2.06
C ARG A 146 -2.22 -22.35 -2.77
N PHE A 147 -0.96 -22.44 -2.39
CA PHE A 147 0.10 -21.82 -3.17
C PHE A 147 1.20 -22.82 -3.51
N TYR A 148 1.73 -22.66 -4.71
CA TYR A 148 2.90 -23.41 -5.14
C TYR A 148 4.14 -22.59 -4.80
N SER A 149 5.18 -23.28 -4.34
CA SER A 149 6.50 -22.66 -4.21
C SER A 149 7.58 -23.63 -4.66
N THR A 150 8.65 -23.09 -5.22
CA THR A 150 9.80 -23.87 -5.63
C THR A 150 10.62 -24.33 -4.42
N SER A 151 10.38 -23.70 -3.27
CA SER A 151 11.09 -24.07 -2.05
C SER A 151 10.25 -25.02 -1.21
N SER A 152 10.92 -25.92 -0.49
CA SER A 152 10.25 -26.77 0.48
C SER A 152 10.47 -26.23 1.89
N ASP A 153 11.15 -25.08 1.98
CA ASP A 153 11.45 -24.45 3.27
C ASP A 153 10.23 -23.73 3.86
N PHE A 154 9.19 -24.51 4.19
CA PHE A 154 8.01 -24.01 4.89
C PHE A 154 7.61 -24.93 6.06
N GLU A 155 7.20 -24.31 7.17
CA GLU A 155 6.78 -25.07 8.35
C GLU A 155 5.26 -25.25 8.38
N THR A 156 4.81 -26.42 8.77
CA THR A 156 3.39 -26.65 8.88
C THR A 156 2.96 -26.04 10.17
N ASN A 157 1.72 -25.61 10.23
CA ASN A 157 1.14 -25.00 11.42
C ASN A 157 1.91 -23.80 11.95
N GLN A 158 2.47 -23.00 11.05
CA GLN A 158 3.03 -21.70 11.39
C GLN A 158 2.28 -20.61 10.62
N PRO A 159 2.09 -19.44 11.26
CA PRO A 159 1.37 -18.36 10.58
C PRO A 159 2.07 -17.97 9.28
N THR A 160 1.32 -17.89 8.19
CA THR A 160 1.89 -17.67 6.85
C THR A 160 1.18 -16.48 6.17
N HIS A 161 1.94 -15.67 5.43
CA HIS A 161 1.40 -14.52 4.72
C HIS A 161 1.82 -14.57 3.25
N PHE A 162 0.89 -14.29 2.34
CA PHE A 162 1.21 -14.15 0.93
C PHE A 162 1.18 -12.67 0.55
N THR A 163 2.34 -12.14 0.17
CA THR A 163 2.46 -10.75 -0.27
C THR A 163 2.44 -10.76 -1.79
N PRO A 164 1.45 -10.08 -2.40
CA PRO A 164 1.38 -10.15 -3.87
C PRO A 164 2.46 -9.29 -4.51
N ILE A 165 2.91 -9.66 -5.68
CA ILE A 165 3.90 -8.90 -6.40
C ILE A 165 3.48 -8.61 -7.82
N GLY A 166 3.04 -9.61 -8.54
CA GLY A 166 2.57 -9.41 -9.90
C GLY A 166 1.91 -10.64 -10.47
N ILE A 167 1.94 -10.76 -11.80
CA ILE A 167 1.35 -11.89 -12.49
C ILE A 167 2.43 -12.71 -13.18
N TYR A 168 2.19 -14.01 -13.30
CA TYR A 168 3.14 -14.92 -13.92
C TYR A 168 2.44 -15.52 -15.13
N ILE A 169 3.00 -15.28 -16.31
CA ILE A 169 2.38 -15.73 -17.54
C ILE A 169 3.09 -16.97 -18.04
N GLU A 170 2.34 -18.05 -18.19
CA GLU A 170 2.87 -19.26 -18.80
C GLU A 170 2.53 -19.29 -20.30
N GLY A 171 1.62 -18.42 -20.71
CA GLY A 171 1.21 -18.32 -22.11
C GLY A 171 0.02 -19.21 -22.45
N ASN A 172 -0.93 -19.31 -21.53
CA ASN A 172 -2.05 -20.26 -21.64
C ASN A 172 -3.43 -19.65 -21.39
N SER A 173 -4.41 -20.53 -21.20
CA SER A 173 -5.74 -20.15 -20.76
C SER A 173 -5.73 -19.76 -19.28
N SER A 174 -4.72 -20.22 -18.55
CA SER A 174 -4.50 -19.81 -17.16
C SER A 174 -3.94 -18.39 -17.15
N ASP A 175 -3.97 -17.74 -18.31
CA ASP A 175 -3.44 -16.40 -18.44
C ASP A 175 -4.31 -15.37 -17.74
N PHE A 176 -3.65 -14.43 -17.09
CA PHE A 176 -4.27 -13.26 -16.49
C PHE A 176 -5.48 -12.77 -17.30
N ASN A 177 -6.67 -12.83 -16.69
CA ASN A 177 -7.84 -12.16 -17.23
C ASN A 177 -8.44 -11.22 -16.19
N GLN A 178 -8.14 -9.93 -16.30
CA GLN A 178 -8.49 -8.98 -15.25
C GLN A 178 -10.00 -8.83 -15.08
N TRP A 179 -10.76 -9.24 -16.09
CA TRP A 179 -12.21 -9.09 -16.01
C TRP A 179 -12.95 -10.39 -15.72
N GLN A 180 -12.21 -11.50 -15.58
CA GLN A 180 -12.85 -12.76 -15.23
C GLN A 180 -12.83 -12.98 -13.72
N LEU A 181 -13.98 -12.85 -13.09
CA LEU A 181 -14.08 -13.09 -11.66
C LEU A 181 -13.72 -14.52 -11.36
N PRO A 182 -13.03 -14.75 -10.22
CA PRO A 182 -12.75 -16.12 -9.77
C PRO A 182 -14.02 -16.74 -9.22
N ARG A 183 -14.04 -18.07 -9.06
CA ARG A 183 -15.13 -18.73 -8.35
C ARG A 183 -14.72 -18.74 -6.89
N TYR A 184 -15.28 -17.81 -6.11
CA TYR A 184 -14.78 -17.55 -4.77
C TYR A 184 -14.95 -18.75 -3.85
N GLY A 185 -15.91 -19.60 -4.18
CA GLY A 185 -16.20 -20.76 -3.35
C GLY A 185 -15.70 -22.06 -3.95
N GLY A 186 -14.85 -21.95 -4.96
CA GLY A 186 -14.31 -23.13 -5.62
C GLY A 186 -15.23 -23.64 -6.72
N HIS A 187 -14.74 -24.59 -7.51
CA HIS A 187 -15.50 -25.09 -8.65
C HIS A 187 -16.89 -25.66 -8.35
N LEU A 188 -17.19 -25.95 -7.09
CA LEU A 188 -18.46 -26.63 -6.76
C LEU A 188 -19.53 -25.69 -6.21
N ALA A 189 -19.21 -24.40 -6.17
CA ALA A 189 -20.16 -23.41 -5.67
C ALA A 189 -20.21 -22.20 -6.61
N ASN A 190 -21.36 -21.53 -6.62
CA ASN A 190 -21.54 -20.31 -7.43
C ASN A 190 -21.36 -19.03 -6.61
N ASN A 191 -20.79 -18.00 -7.24
CA ASN A 191 -20.61 -16.70 -6.59
C ASN A 191 -21.91 -16.06 -6.10
N ASN A 192 -21.85 -15.40 -4.95
CA ASN A 192 -22.94 -14.56 -4.48
C ASN A 192 -22.45 -13.21 -3.94
N HIS A 193 -23.40 -12.29 -3.72
CA HIS A 193 -23.12 -10.98 -3.14
C HIS A 193 -22.14 -10.12 -3.93
N LEU A 194 -22.07 -10.33 -5.25
CA LEU A 194 -21.18 -9.56 -6.09
C LEU A 194 -21.66 -8.12 -6.23
N ALA A 195 -20.73 -7.18 -6.14
CA ALA A 195 -21.00 -5.82 -6.60
C ALA A 195 -21.42 -5.96 -8.06
N PRO A 196 -22.43 -5.17 -8.49
CA PRO A 196 -22.99 -5.29 -9.84
C PRO A 196 -22.01 -4.90 -10.93
N ALA A 197 -22.20 -5.42 -12.14
CA ALA A 197 -21.41 -4.96 -13.27
C ALA A 197 -21.76 -3.50 -13.53
N VAL A 198 -20.86 -2.78 -14.19
CA VAL A 198 -21.11 -1.38 -14.50
C VAL A 198 -20.87 -1.20 -16.00
N SER A 199 -21.59 -0.25 -16.59
CA SER A 199 -21.35 0.14 -17.98
C SER A 199 -21.83 1.57 -18.21
N PRO A 200 -21.31 2.24 -19.25
CA PRO A 200 -21.77 3.58 -19.60
C PRO A 200 -23.15 3.46 -20.23
N LEU A 201 -24.14 4.16 -19.68
CA LEU A 201 -25.50 4.02 -20.17
C LEU A 201 -25.85 5.08 -21.20
N PHE A 202 -25.26 6.26 -21.05
CA PHE A 202 -25.49 7.39 -21.95
C PHE A 202 -24.70 7.24 -23.24
N PRO A 203 -25.35 7.53 -24.38
CA PRO A 203 -24.69 7.40 -25.69
C PRO A 203 -23.43 8.26 -25.78
N GLY A 204 -22.35 7.69 -26.31
CA GLY A 204 -21.13 8.44 -26.53
C GLY A 204 -20.21 8.45 -25.32
N GLU A 205 -20.64 7.80 -24.24
CA GLU A 205 -19.84 7.76 -23.03
C GLU A 205 -19.13 6.42 -22.84
N GLN A 206 -17.98 6.48 -22.18
CA GLN A 206 -17.22 5.29 -21.81
C GLN A 206 -16.82 5.43 -20.36
N ILE A 207 -16.51 4.30 -19.74
CA ILE A 207 -16.01 4.32 -18.38
C ILE A 207 -14.58 4.86 -18.34
N LEU A 208 -14.29 5.70 -17.36
CA LEU A 208 -12.92 6.13 -17.10
C LEU A 208 -12.29 5.21 -16.05
N PHE A 209 -11.17 4.59 -16.43
CA PHE A 209 -10.47 3.66 -15.54
C PHE A 209 -9.19 4.27 -15.00
N PHE A 210 -8.75 3.78 -13.84
CA PHE A 210 -7.45 4.16 -13.30
C PHE A 210 -6.53 2.95 -13.43
N ARG A 211 -5.59 3.05 -14.37
CA ARG A 211 -4.85 1.89 -14.83
C ARG A 211 -3.44 1.83 -14.27
N SER A 212 -3.05 0.65 -13.82
CA SER A 212 -1.67 0.41 -13.45
C SER A 212 -1.11 -0.72 -14.32
N PHE A 213 0.19 -0.72 -14.50
CA PHE A 213 0.87 -1.82 -15.18
C PHE A 213 1.60 -2.58 -14.08
N ILE A 214 0.97 -3.64 -13.60
CA ILE A 214 1.53 -4.41 -12.48
C ILE A 214 2.72 -5.23 -12.94
N PRO A 215 3.61 -5.58 -12.01
CA PRO A 215 4.81 -6.32 -12.41
C PRO A 215 4.47 -7.66 -13.04
N GLY A 216 5.31 -8.08 -13.99
CA GLY A 216 5.23 -9.40 -14.58
C GLY A 216 6.43 -10.22 -14.13
N ALA A 217 6.18 -11.48 -13.78
CA ALA A 217 7.24 -12.33 -13.25
C ALA A 217 7.70 -13.34 -14.31
N SER A 218 6.96 -13.43 -15.40
CA SER A 218 7.30 -14.34 -16.49
C SER A 218 6.38 -14.13 -17.69
N GLY A 219 6.89 -14.43 -18.87
CA GLY A 219 6.11 -14.32 -20.09
C GLY A 219 5.82 -12.89 -20.50
N HIS A 220 4.99 -12.74 -21.53
CA HIS A 220 4.67 -11.43 -22.05
C HIS A 220 3.36 -10.94 -21.49
N THR A 221 3.40 -9.82 -20.81
CA THR A 221 2.18 -9.18 -20.34
C THR A 221 2.48 -7.74 -20.00
N ASN A 222 1.52 -6.87 -20.32
CA ASN A 222 1.64 -5.48 -19.95
C ASN A 222 1.08 -5.21 -18.55
N GLY A 223 0.58 -6.28 -17.92
CA GLY A 223 0.10 -6.22 -16.55
C GLY A 223 -0.99 -5.18 -16.32
N GLU A 224 -1.83 -4.96 -17.32
CA GLU A 224 -2.89 -3.95 -17.23
C GLU A 224 -3.91 -4.29 -16.15
N MET A 225 -4.06 -3.40 -15.17
CA MET A 225 -5.04 -3.57 -14.10
C MET A 225 -5.83 -2.29 -13.96
N ASP A 226 -7.11 -2.36 -14.33
CA ASP A 226 -7.98 -1.18 -14.35
C ASP A 226 -8.94 -1.15 -13.16
N CYS A 227 -8.90 -0.06 -12.38
CA CYS A 227 -9.86 0.11 -11.29
C CYS A 227 -10.82 1.27 -11.56
N LEU A 228 -12.00 1.22 -10.96
CA LEU A 228 -13.03 2.22 -11.23
C LEU A 228 -12.81 3.48 -10.40
N LEU A 229 -12.14 3.33 -9.26
CA LEU A 229 -11.81 4.45 -8.40
C LEU A 229 -10.44 4.19 -7.79
N PRO A 230 -9.60 5.24 -7.69
CA PRO A 230 -8.34 5.03 -6.97
C PRO A 230 -8.68 4.74 -5.53
N GLN A 231 -7.83 4.02 -4.81
CA GLN A 231 -8.09 3.68 -3.42
C GLN A 231 -8.38 4.93 -2.58
N GLU A 232 -7.72 6.04 -2.88
CA GLU A 232 -7.91 7.28 -2.12
C GLU A 232 -9.35 7.81 -2.15
N PHE A 233 -10.03 7.61 -3.27
CA PHE A 233 -11.44 7.99 -3.38
C PHE A 233 -12.29 7.04 -2.51
N VAL A 234 -12.01 5.75 -2.59
CA VAL A 234 -12.68 4.76 -1.75
C VAL A 234 -12.56 5.18 -0.27
N GLN A 235 -11.34 5.47 0.15
CA GLN A 235 -11.07 5.86 1.53
C GLN A 235 -11.82 7.13 1.90
N HIS A 236 -11.81 8.10 0.99
CA HIS A 236 -12.41 9.40 1.25
C HIS A 236 -13.93 9.31 1.38
N PHE A 237 -14.56 8.56 0.47
CA PHE A 237 -16.01 8.39 0.51
C PHE A 237 -16.42 7.66 1.78
N TYR A 238 -15.67 6.63 2.12
CA TYR A 238 -15.92 5.90 3.36
C TYR A 238 -15.82 6.85 4.57
N GLN A 239 -14.82 7.75 4.56
CA GLN A 239 -14.63 8.68 5.67
C GLN A 239 -15.70 9.75 5.73
N GLU A 240 -16.02 10.35 4.58
CA GLU A 240 -16.96 11.45 4.54
C GLU A 240 -18.40 11.00 4.75
N ALA A 241 -18.74 9.85 4.19
CA ALA A 241 -20.12 9.37 4.19
C ALA A 241 -21.09 10.50 3.89
N ALA A 242 -20.74 11.34 2.91
CA ALA A 242 -21.60 12.45 2.50
C ALA A 242 -22.77 11.88 1.69
N THR A 243 -23.94 12.48 1.85
CA THR A 243 -25.12 12.00 1.12
C THR A 243 -25.18 12.53 -0.31
N ALA A 244 -25.22 11.62 -1.29
CA ALA A 244 -25.34 12.02 -2.69
C ALA A 244 -26.62 12.83 -2.88
N ARG A 245 -26.51 14.04 -3.41
CA ARG A 245 -27.71 14.85 -3.64
C ARG A 245 -28.37 14.47 -4.96
N SER A 246 -27.68 13.67 -5.77
CA SER A 246 -28.23 13.20 -7.03
C SER A 246 -27.54 11.91 -7.49
N GLU A 247 -27.95 11.40 -8.65
CA GLU A 247 -27.37 10.19 -9.19
C GLU A 247 -25.95 10.40 -9.74
N VAL A 248 -25.58 11.65 -10.02
CA VAL A 248 -24.30 11.95 -10.63
C VAL A 248 -23.63 13.18 -10.05
N ALA A 249 -22.39 13.01 -9.56
CA ALA A 249 -21.56 14.14 -9.20
C ALA A 249 -20.73 14.52 -10.42
N LEU A 250 -20.98 15.72 -10.93
CA LEU A 250 -20.20 16.25 -12.03
C LEU A 250 -18.84 16.69 -11.51
N LEU A 251 -17.78 16.18 -12.14
CA LEU A 251 -16.42 16.55 -11.76
C LEU A 251 -15.76 17.30 -12.90
N ARG A 252 -14.83 18.17 -12.57
CA ARG A 252 -13.99 18.81 -13.57
C ARG A 252 -12.54 18.41 -13.31
N PHE A 253 -11.85 17.91 -14.34
CA PHE A 253 -10.42 17.66 -14.20
C PHE A 253 -9.72 18.98 -14.53
N VAL A 254 -9.07 19.59 -13.54
CA VAL A 254 -8.51 20.93 -13.75
C VAL A 254 -7.00 20.92 -13.77
N ASN A 255 -6.42 21.85 -14.53
CA ASN A 255 -5.00 22.04 -14.55
C ASN A 255 -4.63 23.27 -13.74
N PRO A 256 -4.10 23.08 -12.53
CA PRO A 256 -3.79 24.20 -11.64
C PRO A 256 -2.72 25.11 -12.25
N ASP A 257 -1.94 24.61 -13.19
CA ASP A 257 -0.91 25.43 -13.84
C ASP A 257 -1.55 26.58 -14.60
N THR A 258 -2.70 26.34 -15.21
CA THR A 258 -3.36 27.36 -16.02
C THR A 258 -4.66 27.84 -15.40
N GLY A 259 -5.12 27.15 -14.36
CA GLY A 259 -6.38 27.51 -13.72
C GLY A 259 -7.62 27.09 -14.47
N ARG A 260 -7.47 26.37 -15.59
CA ARG A 260 -8.66 25.95 -16.34
C ARG A 260 -8.93 24.44 -16.45
N ALA A 261 -10.20 24.11 -16.69
CA ALA A 261 -10.64 22.74 -16.81
C ALA A 261 -10.16 22.10 -18.10
N LEU A 262 -9.73 20.84 -18.00
CA LEU A 262 -9.27 20.06 -19.14
C LEU A 262 -10.43 19.25 -19.74
N PHE A 263 -11.23 18.67 -18.86
CA PHE A 263 -12.43 17.94 -19.26
C PHE A 263 -13.35 17.70 -18.06
N GLU A 264 -14.53 17.17 -18.35
CA GLU A 264 -15.51 16.82 -17.33
C GLU A 264 -15.76 15.33 -17.30
N SER A 265 -16.14 14.82 -16.13
CA SER A 265 -16.46 13.41 -15.94
C SER A 265 -17.69 13.27 -15.06
N LYS A 266 -18.49 12.26 -15.31
CA LYS A 266 -19.63 11.97 -14.45
C LYS A 266 -19.25 10.92 -13.42
N LEU A 267 -19.21 11.32 -12.15
CA LEU A 267 -19.01 10.37 -11.06
C LEU A 267 -20.37 9.87 -10.61
N HIS A 268 -20.67 8.63 -10.94
CA HIS A 268 -21.92 7.99 -10.60
C HIS A 268 -21.99 7.56 -9.15
N LYS A 269 -23.14 7.81 -8.55
CA LYS A 269 -23.43 7.51 -7.16
C LYS A 269 -22.90 6.17 -6.73
N GLN A 270 -23.07 5.18 -7.57
CA GLN A 270 -22.67 3.84 -7.25
C GLN A 270 -21.17 3.54 -7.42
N GLY A 271 -20.38 4.55 -7.74
CA GLY A 271 -18.96 4.46 -7.66
C GLY A 271 -18.16 4.14 -8.89
N PHE A 272 -18.47 4.80 -9.98
CA PHE A 272 -17.64 4.74 -11.18
C PHE A 272 -17.78 6.04 -11.98
N MET A 273 -16.84 6.27 -12.89
CA MET A 273 -16.79 7.53 -13.62
C MET A 273 -16.92 7.28 -15.12
N THR A 274 -17.63 8.18 -15.82
CA THR A 274 -17.67 8.13 -17.27
C THR A 274 -17.21 9.45 -17.86
N ILE A 275 -16.73 9.40 -19.10
CA ILE A 275 -16.30 10.58 -19.84
C ILE A 275 -16.84 10.45 -21.25
N ALA A 276 -16.80 11.54 -22.02
CA ALA A 276 -17.26 11.47 -23.38
C ALA A 276 -16.07 11.15 -24.26
N SER A 277 -16.02 9.92 -24.75
CA SER A 277 -14.87 9.49 -25.54
C SER A 277 -15.20 8.24 -26.32
N SER A 278 -14.34 7.92 -27.28
CA SER A 278 -14.59 6.78 -28.15
C SER A 278 -13.28 6.05 -28.47
N GLY A 279 -13.26 4.74 -28.21
CA GLY A 279 -12.08 3.94 -28.48
C GLY A 279 -11.31 3.54 -27.24
N ASP A 280 -10.32 2.68 -27.43
CA ASP A 280 -9.46 2.24 -26.33
C ASP A 280 -8.16 3.04 -26.33
N HIS A 281 -7.95 3.87 -25.31
CA HIS A 281 -6.73 4.67 -25.25
C HIS A 281 -6.48 5.27 -23.86
N PRO A 282 -5.22 5.61 -23.60
CA PRO A 282 -4.87 6.31 -22.36
C PRO A 282 -5.36 7.73 -22.45
N ILE A 283 -5.60 8.34 -21.30
CA ILE A 283 -5.91 9.75 -21.24
C ILE A 283 -4.76 10.46 -20.57
N ILE A 284 -3.81 10.93 -21.38
CA ILE A 284 -2.61 11.60 -20.89
C ILE A 284 -2.88 13.10 -20.73
N MET A 285 -2.59 13.61 -19.55
CA MET A 285 -2.95 14.97 -19.18
C MET A 285 -1.78 15.64 -18.48
N PRO A 286 -1.80 16.98 -18.38
CA PRO A 286 -0.78 17.67 -17.59
C PRO A 286 -0.62 17.03 -16.21
N THR A 287 0.64 16.79 -15.81
CA THR A 287 0.96 16.05 -14.58
C THR A 287 0.26 16.57 -13.33
N ASN A 288 0.02 17.87 -13.29
CA ASN A 288 -0.52 18.50 -12.10
C ASN A 288 -2.05 18.49 -12.02
N GLY A 289 -2.71 18.01 -13.06
CA GLY A 289 -4.16 18.05 -13.10
C GLY A 289 -4.80 17.19 -12.04
N TYR A 290 -5.99 17.58 -11.60
CA TYR A 290 -6.72 16.81 -10.59
C TYR A 290 -8.21 17.02 -10.73
N PHE A 291 -9.00 16.11 -10.19
CA PHE A 291 -10.44 16.22 -10.24
C PHE A 291 -10.95 17.07 -9.09
N ARG A 292 -11.98 17.85 -9.34
CA ARG A 292 -12.69 18.52 -8.26
C ARG A 292 -14.18 18.47 -8.54
N PHE A 293 -14.97 18.48 -7.47
CA PHE A 293 -16.42 18.44 -7.59
C PHE A 293 -16.92 19.77 -8.13
N GLU A 294 -17.81 19.72 -9.12
CA GLU A 294 -18.41 20.92 -9.68
C GLU A 294 -19.88 21.07 -9.27
N ALA A 295 -20.69 20.03 -9.51
CA ALA A 295 -22.13 20.14 -9.21
C ALA A 295 -22.85 18.80 -9.25
N TRP A 296 -24.01 18.74 -8.63
CA TRP A 296 -24.86 17.55 -8.74
C TRP A 296 -25.72 17.65 -9.99
N VAL A 297 -25.69 16.61 -10.80
CA VAL A 297 -26.47 16.60 -12.03
C VAL A 297 -27.19 15.26 -12.16
N ASN A 298 -27.95 15.09 -13.23
CA ASN A 298 -28.60 13.81 -13.43
C ASN A 298 -27.77 12.95 -14.38
N GLN A 299 -28.26 11.74 -14.63
CA GLN A 299 -27.53 10.78 -15.45
C GLN A 299 -27.61 11.11 -16.93
N PHE A 300 -28.46 12.09 -17.28
CA PHE A 300 -28.59 12.48 -18.69
C PHE A 300 -27.76 13.71 -19.05
N TYR A 301 -27.02 14.24 -18.09
CA TYR A 301 -26.10 15.35 -18.36
C TYR A 301 -25.20 15.00 -19.53
N SER A 302 -25.01 15.95 -20.44
CA SER A 302 -24.19 15.71 -21.63
C SER A 302 -22.79 16.28 -21.49
N LEU A 303 -21.79 15.40 -21.59
CA LEU A 303 -20.41 15.82 -21.46
C LEU A 303 -19.81 16.23 -22.80
N ALA A 304 -18.97 17.27 -22.77
CA ALA A 304 -18.17 17.61 -23.93
C ALA A 304 -17.06 16.55 -24.07
N PRO A 305 -16.76 16.14 -25.30
CA PRO A 305 -15.68 15.18 -25.56
C PRO A 305 -14.42 15.51 -24.75
N VAL A 306 -13.76 14.48 -24.26
CA VAL A 306 -12.55 14.66 -23.47
C VAL A 306 -11.46 15.36 -24.28
N ALA B 5 -11.34 24.00 10.10
CA ALA B 5 -11.36 23.13 11.28
C ALA B 5 -10.38 21.94 11.14
N PHE B 6 -9.85 21.48 12.26
CA PHE B 6 -8.87 20.38 12.24
C PHE B 6 -9.54 19.05 12.56
N THR B 7 -9.22 18.04 11.75
CA THR B 7 -9.75 16.70 11.94
C THR B 7 -8.69 15.63 11.68
N ILE B 8 -8.97 14.43 12.19
CA ILE B 8 -8.21 13.25 11.81
C ILE B 8 -9.20 12.17 11.40
N PRO B 9 -8.80 11.31 10.45
CA PRO B 9 -9.75 10.32 9.93
C PRO B 9 -10.08 9.29 11.00
N VAL B 10 -11.29 8.74 10.91
CA VAL B 10 -11.74 7.68 11.81
C VAL B 10 -11.18 6.35 11.35
N LEU B 11 -10.24 5.80 12.12
CA LEU B 11 -9.55 4.59 11.74
C LEU B 11 -9.27 3.67 12.90
N LYS B 12 -9.68 2.42 12.75
CA LYS B 12 -9.26 1.38 13.67
C LYS B 12 -7.77 1.19 13.48
N ILE B 13 -7.10 0.71 14.52
CA ILE B 13 -5.68 0.41 14.42
C ILE B 13 -5.43 -0.54 13.23
N SER B 14 -6.30 -1.52 13.04
CA SER B 14 -6.12 -2.52 11.98
C SER B 14 -6.35 -1.94 10.58
N GLU B 15 -6.90 -0.73 10.52
CA GLU B 15 -7.15 -0.09 9.23
C GLU B 15 -6.03 0.87 8.88
N MET B 16 -5.08 1.03 9.80
CA MET B 16 -3.95 1.95 9.55
C MET B 16 -2.83 1.27 8.80
N THR B 17 -2.10 2.05 8.02
CA THR B 17 -0.96 1.57 7.27
C THR B 17 0.33 2.09 7.90
N ASN B 18 1.34 1.24 8.04
CA ASN B 18 2.62 1.72 8.51
C ASN B 18 3.21 2.69 7.50
N SER B 19 3.79 3.78 7.96
CA SER B 19 4.32 4.79 7.05
C SER B 19 5.80 4.57 6.75
N ARG B 20 6.37 3.54 7.36
CA ARG B 20 7.78 3.22 7.13
C ARG B 20 7.99 1.92 6.34
N PHE B 21 6.91 1.18 6.16
CA PHE B 21 6.95 -0.07 5.39
C PHE B 21 5.53 -0.34 4.93
N PRO B 22 5.34 -0.74 3.66
CA PRO B 22 3.95 -0.79 3.17
C PRO B 22 3.17 -2.03 3.62
N VAL B 23 2.82 -2.08 4.91
CA VAL B 23 2.00 -3.16 5.48
C VAL B 23 1.08 -2.50 6.53
N PRO B 24 -0.02 -3.16 6.93
CA PRO B 24 -0.89 -2.59 7.96
C PRO B 24 -0.16 -2.42 9.30
N VAL B 25 -0.64 -1.48 10.13
CA VAL B 25 -0.18 -1.38 11.50
C VAL B 25 -0.74 -2.60 12.25
N ASP B 26 0.06 -3.19 13.13
CA ASP B 26 -0.39 -4.33 13.93
C ASP B 26 -0.89 -3.91 15.32
N GLN B 27 -0.17 -3.02 15.98
CA GLN B 27 -0.55 -2.60 17.32
C GLN B 27 0.02 -1.24 17.63
N MET B 28 -0.56 -0.56 18.61
CA MET B 28 0.09 0.61 19.19
C MET B 28 1.14 0.10 20.17
N TYR B 29 2.22 0.84 20.31
CA TYR B 29 3.31 0.43 21.17
C TYR B 29 4.00 1.67 21.74
N THR B 30 4.44 1.59 22.99
CA THR B 30 5.17 2.69 23.60
C THR B 30 6.47 2.22 24.22
N SER B 31 7.46 3.11 24.31
CA SER B 31 8.76 2.72 24.81
C SER B 31 9.52 3.89 25.43
N ARG B 32 10.45 3.59 26.31
CA ARG B 32 11.36 4.60 26.84
C ARG B 32 12.34 5.03 25.76
N SER B 33 12.60 4.12 24.81
CA SER B 33 13.60 4.35 23.78
C SER B 33 14.92 4.76 24.44
N GLU B 34 15.30 4.03 25.47
CA GLU B 34 16.51 4.28 26.24
C GLU B 34 17.77 4.21 25.38
N GLY B 35 18.53 5.29 25.36
CA GLY B 35 19.76 5.34 24.58
C GLY B 35 19.54 5.03 23.11
N ILE B 36 18.38 5.41 22.60
CA ILE B 36 18.08 5.29 21.18
C ILE B 36 17.73 6.66 20.65
N VAL B 37 18.23 6.98 19.47
CA VAL B 37 17.83 8.22 18.82
C VAL B 37 16.73 7.90 17.80
N VAL B 38 15.53 8.38 18.11
CA VAL B 38 14.37 8.15 17.26
C VAL B 38 14.27 9.20 16.17
N GLN B 39 14.77 8.88 14.99
CA GLN B 39 14.83 9.86 13.89
C GLN B 39 14.42 9.28 12.53
N PRO B 40 13.25 8.59 12.49
CA PRO B 40 12.80 8.03 11.21
C PRO B 40 12.64 9.14 10.17
N GLN B 41 12.81 8.80 8.90
CA GLN B 41 12.71 9.80 7.84
C GLN B 41 11.44 9.60 7.01
N ASN B 42 10.86 8.41 7.10
CA ASN B 42 9.57 8.15 6.46
C ASN B 42 8.45 8.31 7.48
N GLY B 43 7.26 8.67 7.02
CA GLY B 43 6.15 8.92 7.91
C GLY B 43 6.39 10.14 8.79
N ARG B 44 7.00 11.17 8.18
CA ARG B 44 7.25 12.43 8.87
C ARG B 44 6.47 13.55 8.21
N ALA B 45 5.51 14.12 8.93
CA ALA B 45 4.79 15.27 8.43
C ALA B 45 4.30 16.10 9.60
N THR B 46 4.29 17.42 9.44
CA THR B 46 3.70 18.29 10.45
C THR B 46 2.18 18.19 10.33
N ILE B 47 1.48 18.53 11.40
CA ILE B 47 0.02 18.41 11.36
C ILE B 47 -0.63 19.48 10.49
N ASP B 48 0.13 20.48 10.06
CA ASP B 48 -0.40 21.42 9.07
C ASP B 48 0.01 21.07 7.63
N GLY B 49 0.57 19.89 7.44
CA GLY B 49 0.66 19.33 6.09
C GLY B 49 1.99 19.43 5.38
N GLU B 50 3.05 19.78 6.11
CA GLU B 50 4.37 19.85 5.52
C GLU B 50 5.08 18.50 5.63
N LEU B 51 5.38 17.87 4.49
CA LEU B 51 6.06 16.58 4.48
C LEU B 51 7.53 16.79 4.80
N LEU B 52 8.10 15.89 5.59
CA LEU B 52 9.50 16.02 6.01
C LEU B 52 10.31 14.80 5.58
N GLY B 53 11.63 14.91 5.71
CA GLY B 53 12.53 13.80 5.42
C GLY B 53 12.37 13.25 4.00
N THR B 54 12.18 11.94 3.91
CA THR B 54 11.96 11.28 2.62
C THR B 54 10.50 10.90 2.45
N THR B 55 9.63 11.53 3.23
CA THR B 55 8.22 11.14 3.27
C THR B 55 7.44 11.49 2.00
N LEU B 56 6.77 10.50 1.44
CA LEU B 56 5.85 10.73 0.33
C LEU B 56 4.43 10.40 0.76
N VAL B 57 3.44 10.71 -0.07
CA VAL B 57 2.05 10.51 0.34
C VAL B 57 1.51 9.13 -0.04
N SER B 58 2.02 8.56 -1.14
CA SER B 58 1.57 7.24 -1.57
C SER B 58 1.83 6.23 -0.47
N PRO B 59 0.82 5.41 -0.12
CA PRO B 59 0.97 4.47 0.99
C PRO B 59 1.57 3.14 0.53
N VAL B 60 1.73 2.95 -0.77
CA VAL B 60 2.28 1.70 -1.27
C VAL B 60 3.70 1.83 -1.80
N SER B 61 4.31 3.00 -1.65
CA SER B 61 5.58 3.31 -2.30
C SER B 61 6.81 3.23 -1.41
N VAL B 62 6.63 3.37 -0.11
CA VAL B 62 7.80 3.41 0.78
C VAL B 62 8.60 2.10 0.68
N CYS B 63 9.92 2.24 0.69
CA CYS B 63 10.85 1.11 0.51
C CYS B 63 10.87 0.47 -0.90
N ASN B 64 10.17 1.07 -1.87
CA ASN B 64 10.28 0.63 -3.25
C ASN B 64 11.39 1.40 -3.95
N PHE B 65 12.03 0.78 -4.93
CA PHE B 65 13.00 1.44 -5.79
C PHE B 65 12.66 1.20 -7.25
N LYS B 66 13.06 2.11 -8.12
CA LYS B 66 12.82 2.01 -9.54
C LYS B 66 14.13 2.43 -10.20
N GLY B 67 14.50 1.79 -11.31
CA GLY B 67 15.70 2.22 -12.01
C GLY B 67 16.14 1.37 -13.18
N ASN B 68 17.22 1.80 -13.84
CA ASN B 68 17.80 1.03 -14.93
C ASN B 68 18.71 -0.07 -14.39
N LEU B 69 18.66 -1.25 -14.99
CA LEU B 69 19.60 -2.30 -14.65
C LEU B 69 20.90 -2.02 -15.40
N GLN B 70 21.81 -1.29 -14.75
CA GLN B 70 23.00 -0.79 -15.45
C GLN B 70 23.91 -1.91 -15.91
N ALA B 71 24.25 -2.80 -14.98
CA ALA B 71 25.11 -3.94 -15.29
C ALA B 71 25.21 -4.86 -14.08
N GLU B 72 25.83 -6.01 -14.27
CA GLU B 72 26.18 -6.88 -13.16
C GLU B 72 27.52 -6.39 -12.61
N VAL B 73 27.66 -6.29 -11.30
CA VAL B 73 28.92 -5.77 -10.74
C VAL B 73 30.08 -6.73 -11.02
N PRO B 74 31.14 -6.21 -11.63
CA PRO B 74 32.31 -7.02 -12.00
C PRO B 74 32.91 -7.72 -10.77
N GLY B 75 33.23 -9.01 -10.92
CA GLY B 75 33.90 -9.75 -9.88
C GLY B 75 33.00 -10.16 -8.72
N GLN B 76 31.70 -9.98 -8.86
CA GLN B 76 30.76 -10.41 -7.84
C GLN B 76 29.51 -11.07 -8.44
N HIS B 77 29.28 -12.31 -8.03
CA HIS B 77 28.25 -13.16 -8.61
C HIS B 77 26.83 -12.68 -8.31
N GLN B 78 26.11 -12.33 -9.37
CA GLN B 78 24.69 -12.00 -9.27
C GLN B 78 24.42 -10.85 -8.30
N LEU B 79 25.31 -9.87 -8.31
CA LEU B 79 25.07 -8.57 -7.71
C LEU B 79 24.85 -7.60 -8.87
N TYR B 80 23.76 -6.84 -8.81
CA TYR B 80 23.35 -6.02 -9.94
C TYR B 80 23.29 -4.54 -9.60
N GLN B 81 23.85 -3.72 -10.49
CA GLN B 81 23.86 -2.29 -10.28
C GLN B 81 22.61 -1.62 -10.86
N LEU B 82 21.88 -0.91 -10.02
CA LEU B 82 20.78 -0.08 -10.48
C LEU B 82 21.24 1.35 -10.63
N GLN B 83 20.71 2.02 -11.64
CA GLN B 83 20.80 3.46 -11.70
C GLN B 83 19.38 3.97 -11.44
N LEU B 84 19.14 4.44 -10.22
CA LEU B 84 17.80 4.80 -9.80
C LEU B 84 17.23 5.98 -10.58
N THR B 85 15.92 5.97 -10.76
CA THR B 85 15.16 7.18 -10.99
C THR B 85 14.37 7.43 -9.71
N ASN B 86 13.67 8.55 -9.65
CA ASN B 86 12.70 8.74 -8.57
C ASN B 86 11.56 7.76 -8.82
N LEU B 87 10.77 7.48 -7.79
CA LEU B 87 9.69 6.52 -7.94
C LEU B 87 8.69 7.03 -8.96
N ASP B 88 8.72 8.34 -9.20
CA ASP B 88 7.81 8.93 -10.19
C ASP B 88 8.39 8.93 -11.60
N GLY B 89 9.58 8.37 -11.77
CA GLY B 89 10.20 8.31 -13.08
C GLY B 89 11.18 9.43 -13.42
N SER B 90 11.10 10.54 -12.69
CA SER B 90 12.04 11.65 -12.93
C SER B 90 13.45 11.26 -12.49
N PRO B 91 14.47 11.90 -13.08
CA PRO B 91 15.85 11.55 -12.69
C PRO B 91 16.13 11.92 -11.23
N ILE B 92 17.06 11.22 -10.60
CA ILE B 92 17.47 11.53 -9.24
C ILE B 92 18.23 12.87 -9.24
N ASP B 93 17.86 13.76 -8.34
CA ASP B 93 18.50 15.05 -8.23
C ASP B 93 19.12 15.23 -6.85
N PRO B 94 20.43 15.00 -6.72
CA PRO B 94 21.11 15.07 -5.42
C PRO B 94 21.04 16.45 -4.78
N THR B 95 20.58 17.46 -5.50
CA THR B 95 20.46 18.79 -4.91
C THR B 95 19.06 19.00 -4.31
N ASP B 96 18.24 17.97 -4.34
CA ASP B 96 16.92 18.04 -3.69
C ASP B 96 17.12 18.32 -2.21
N ASP B 97 16.14 19.00 -1.61
CA ASP B 97 16.19 19.33 -0.18
C ASP B 97 15.59 18.13 0.58
N THR B 98 16.20 16.96 0.37
CA THR B 98 15.79 15.71 1.02
C THR B 98 17.07 14.95 1.36
N PRO B 99 17.01 14.07 2.37
CA PRO B 99 18.18 13.24 2.69
C PRO B 99 18.49 12.25 1.56
N GLY B 100 17.46 11.89 0.80
CA GLY B 100 17.58 10.95 -0.30
C GLY B 100 16.26 10.90 -1.02
N PRO B 101 16.12 10.02 -2.02
CA PRO B 101 14.89 10.00 -2.81
C PRO B 101 13.68 9.63 -1.94
N LEU B 102 12.52 10.19 -2.28
CA LEU B 102 11.30 9.92 -1.53
C LEU B 102 11.06 8.41 -1.44
N GLY B 103 10.68 7.97 -0.24
CA GLY B 103 10.31 6.59 -0.03
C GLY B 103 11.50 5.70 0.29
N CYS B 104 12.71 6.26 0.18
CA CYS B 104 13.91 5.48 0.47
C CYS B 104 13.85 4.88 1.87
N PRO B 105 14.31 3.62 2.02
CA PRO B 105 14.32 3.01 3.35
C PRO B 105 15.07 3.89 4.34
N ASP B 106 14.59 3.96 5.58
CA ASP B 106 15.23 4.81 6.58
C ASP B 106 15.83 4.00 7.74
N PHE B 107 16.30 2.80 7.41
CA PHE B 107 16.88 1.90 8.39
C PHE B 107 17.98 1.13 7.69
N THR B 108 18.88 0.55 8.47
CA THR B 108 19.94 -0.27 7.90
C THR B 108 19.62 -1.74 8.12
N GLY B 109 19.83 -2.55 7.09
CA GLY B 109 19.57 -3.97 7.17
C GLY B 109 19.55 -4.59 5.79
N LEU B 110 19.28 -5.89 5.74
CA LEU B 110 19.13 -6.60 4.48
C LEU B 110 17.68 -6.56 4.04
N LEU B 111 17.34 -5.55 3.26
CA LEU B 111 15.98 -5.39 2.75
C LEU B 111 15.70 -6.45 1.67
N TYR B 112 14.78 -7.36 1.97
CA TYR B 112 14.38 -8.47 1.10
C TYR B 112 13.14 -8.12 0.29
N GLY B 113 13.15 -8.47 -1.00
CA GLY B 113 12.00 -8.25 -1.86
C GLY B 113 12.13 -8.93 -3.21
N VAL B 114 11.43 -8.38 -4.20
CA VAL B 114 11.51 -8.93 -5.56
C VAL B 114 11.84 -7.84 -6.58
N ALA B 115 12.87 -8.09 -7.38
CA ALA B 115 13.21 -7.20 -8.47
C ALA B 115 12.55 -7.71 -9.74
N SER B 116 11.74 -6.87 -10.38
CA SER B 116 11.03 -7.24 -11.59
C SER B 116 11.42 -6.35 -12.76
N GLN B 117 11.22 -6.85 -13.98
CA GLN B 117 11.50 -6.06 -15.18
C GLN B 117 10.38 -6.24 -16.19
N ARG B 118 10.21 -5.25 -17.03
CA ARG B 118 9.36 -5.37 -18.20
C ARG B 118 10.15 -4.76 -19.34
N GLY B 119 10.39 -5.55 -20.38
CA GLY B 119 11.26 -5.16 -21.48
C GLY B 119 12.28 -6.26 -21.78
N PRO B 120 12.69 -6.40 -23.05
CA PRO B 120 12.23 -5.62 -24.20
C PRO B 120 10.77 -5.92 -24.50
N GLY B 121 10.08 -5.01 -25.17
CA GLY B 121 8.66 -5.19 -25.43
C GLY B 121 7.94 -5.43 -24.13
N ASP B 122 6.99 -6.36 -24.13
CA ASP B 122 6.27 -6.70 -22.90
C ASP B 122 6.78 -7.99 -22.25
N ALA B 123 8.00 -8.41 -22.56
CA ALA B 123 8.57 -9.58 -21.88
C ALA B 123 8.88 -9.22 -20.44
N THR B 124 8.57 -10.12 -19.52
CA THR B 124 8.78 -9.82 -18.11
C THR B 124 9.54 -10.91 -17.38
N ARG B 125 10.14 -10.52 -16.25
CA ARG B 125 10.77 -11.47 -15.34
C ARG B 125 10.89 -10.84 -13.97
N ALA B 126 10.91 -11.67 -12.94
CA ALA B 126 11.03 -11.21 -11.56
C ALA B 126 11.63 -12.32 -10.72
N HIS B 127 12.52 -11.94 -9.81
CA HIS B 127 13.16 -12.90 -8.91
C HIS B 127 13.45 -12.24 -7.57
N GLU B 128 13.56 -13.06 -6.52
CA GLU B 128 13.97 -12.56 -5.21
C GLU B 128 15.20 -11.67 -5.30
N ALA B 129 15.24 -10.64 -4.47
CA ALA B 129 16.38 -9.73 -4.40
C ALA B 129 16.58 -9.24 -2.98
N ARG B 130 17.84 -8.96 -2.61
CA ARG B 130 18.13 -8.33 -1.34
C ARG B 130 19.00 -7.09 -1.57
N ILE B 131 18.69 -6.04 -0.83
CA ILE B 131 19.46 -4.82 -0.89
C ILE B 131 19.97 -4.53 0.51
N ASP B 132 21.29 -4.40 0.67
CA ASP B 132 21.87 -4.09 1.97
C ASP B 132 21.94 -2.58 2.18
N THR B 133 20.99 -2.02 2.93
CA THR B 133 20.92 -0.58 3.07
C THR B 133 22.06 -0.04 3.94
N GLY B 134 22.84 -0.94 4.53
CA GLY B 134 23.96 -0.55 5.37
C GLY B 134 25.31 -0.62 4.70
N SER B 135 25.38 -1.13 3.47
CA SER B 135 26.69 -1.26 2.82
C SER B 135 27.21 0.06 2.27
N ASP B 136 28.53 0.18 2.22
CA ASP B 136 29.19 1.40 1.75
C ASP B 136 28.66 1.82 0.38
N THR B 137 28.33 0.84 -0.45
CA THR B 137 27.90 1.08 -1.81
C THR B 137 26.49 1.67 -1.91
N PHE B 138 25.70 1.54 -0.84
CA PHE B 138 24.33 2.03 -0.84
C PHE B 138 24.28 3.56 -0.84
N ALA B 139 23.98 4.14 -2.00
CA ALA B 139 24.02 5.59 -2.13
C ALA B 139 22.83 6.13 -2.93
N PRO B 140 21.61 5.93 -2.41
CA PRO B 140 20.36 6.30 -3.10
C PRO B 140 20.32 7.77 -3.45
N LYS B 141 20.91 8.61 -2.62
CA LYS B 141 20.88 10.05 -2.86
C LYS B 141 21.45 10.38 -4.24
N ILE B 142 22.43 9.60 -4.69
CA ILE B 142 22.99 9.81 -6.02
C ILE B 142 22.57 8.70 -6.99
N GLY B 143 21.56 7.94 -6.60
CA GLY B 143 20.95 6.96 -7.50
C GLY B 143 21.70 5.66 -7.65
N GLN B 144 22.60 5.38 -6.72
CA GLN B 144 23.41 4.18 -6.82
C GLN B 144 23.03 3.15 -5.78
N VAL B 145 22.40 2.07 -6.24
CA VAL B 145 21.93 1.03 -5.35
C VAL B 145 22.13 -0.33 -6.02
N ARG B 146 22.62 -1.29 -5.25
CA ARG B 146 22.85 -2.63 -5.79
C ARG B 146 21.92 -3.63 -5.13
N PHE B 147 21.52 -4.66 -5.88
CA PHE B 147 20.78 -5.77 -5.29
C PHE B 147 21.38 -7.11 -5.66
N TYR B 148 21.34 -8.01 -4.70
CA TYR B 148 21.79 -9.38 -4.91
C TYR B 148 20.59 -10.28 -5.18
N SER B 149 20.74 -11.19 -6.14
CA SER B 149 19.69 -12.14 -6.49
C SER B 149 20.27 -13.53 -6.70
N THR B 150 19.50 -14.55 -6.32
CA THR B 150 19.87 -15.94 -6.54
C THR B 150 19.67 -16.36 -8.00
N SER B 151 19.10 -15.46 -8.81
CA SER B 151 18.89 -15.72 -10.23
C SER B 151 19.74 -14.82 -11.10
N SER B 152 20.13 -15.33 -12.26
CA SER B 152 20.86 -14.54 -13.25
C SER B 152 19.93 -14.15 -14.40
N ASP B 153 18.63 -14.37 -14.22
CA ASP B 153 17.64 -14.06 -15.25
C ASP B 153 17.20 -12.59 -15.19
N PHE B 154 18.15 -11.68 -15.42
CA PHE B 154 17.85 -10.26 -15.51
C PHE B 154 18.45 -9.70 -16.79
N GLU B 155 17.74 -8.79 -17.43
CA GLU B 155 18.23 -8.14 -18.65
C GLU B 155 18.87 -6.79 -18.33
N THR B 156 20.06 -6.56 -18.89
CA THR B 156 20.70 -5.27 -18.72
C THR B 156 19.95 -4.21 -19.51
N ASN B 157 19.95 -2.99 -19.00
CA ASN B 157 19.33 -1.88 -19.69
C ASN B 157 17.83 -2.06 -19.91
N GLN B 158 17.15 -2.68 -18.95
CA GLN B 158 15.70 -2.74 -18.95
C GLN B 158 15.17 -2.14 -17.63
N PRO B 159 14.00 -1.48 -17.70
CA PRO B 159 13.42 -0.85 -16.51
C PRO B 159 13.21 -1.90 -15.44
N THR B 160 13.71 -1.61 -14.25
CA THR B 160 13.68 -2.55 -13.14
C THR B 160 13.00 -1.95 -11.92
N HIS B 161 12.17 -2.74 -11.25
CA HIS B 161 11.48 -2.30 -10.04
C HIS B 161 11.79 -3.24 -8.88
N PHE B 162 12.11 -2.66 -7.73
CA PHE B 162 12.26 -3.43 -6.50
C PHE B 162 11.04 -3.26 -5.62
N THR B 163 10.34 -4.36 -5.34
CA THR B 163 9.17 -4.33 -4.49
C THR B 163 9.58 -4.91 -3.16
N PRO B 164 9.42 -4.12 -2.06
CA PRO B 164 9.92 -4.63 -0.79
C PRO B 164 8.99 -5.69 -0.22
N ILE B 165 9.54 -6.67 0.50
CA ILE B 165 8.69 -7.68 1.13
C ILE B 165 8.95 -7.79 2.63
N GLY B 166 10.22 -7.74 3.05
CA GLY B 166 10.55 -7.82 4.46
C GLY B 166 12.05 -7.72 4.69
N ILE B 167 12.53 -8.33 5.78
CA ILE B 167 13.96 -8.28 6.10
C ILE B 167 14.56 -9.67 6.16
N TYR B 168 15.82 -9.76 5.74
CA TYR B 168 16.58 -11.01 5.71
C TYR B 168 17.66 -10.96 6.79
N ILE B 169 17.60 -11.85 7.76
CA ILE B 169 18.57 -11.82 8.86
C ILE B 169 19.69 -12.85 8.66
N GLU B 170 20.91 -12.37 8.45
CA GLU B 170 22.08 -13.26 8.29
C GLU B 170 22.70 -13.64 9.63
N GLY B 171 22.39 -12.87 10.68
CA GLY B 171 22.86 -13.16 12.01
C GLY B 171 24.19 -12.50 12.31
N ASN B 172 24.46 -11.40 11.61
CA ASN B 172 25.72 -10.67 11.78
C ASN B 172 25.51 -9.15 11.83
N SER B 173 26.60 -8.40 11.62
CA SER B 173 26.56 -6.95 11.77
C SER B 173 25.62 -6.21 10.82
N SER B 174 25.24 -6.86 9.73
CA SER B 174 24.31 -6.26 8.77
C SER B 174 22.87 -6.44 9.21
N ASP B 175 22.69 -6.90 10.46
CA ASP B 175 21.36 -7.17 10.98
C ASP B 175 20.50 -5.91 11.14
N PHE B 176 19.22 -6.07 10.84
CA PHE B 176 18.20 -5.03 10.90
C PHE B 176 18.27 -4.16 12.15
N ASN B 177 18.50 -2.86 11.95
CA ASN B 177 18.41 -1.89 13.03
C ASN B 177 17.48 -0.76 12.59
N GLN B 178 16.25 -0.79 13.10
CA GLN B 178 15.21 0.10 12.60
C GLN B 178 15.48 1.57 12.91
N TRP B 179 16.40 1.83 13.82
CA TRP B 179 16.67 3.20 14.24
C TRP B 179 18.01 3.75 13.74
N GLN B 180 18.76 2.94 12.99
CA GLN B 180 20.00 3.41 12.39
C GLN B 180 19.75 3.90 10.98
N LEU B 181 19.91 5.20 10.77
CA LEU B 181 19.72 5.76 9.43
C LEU B 181 20.82 5.28 8.48
N PRO B 182 20.48 5.04 7.21
CA PRO B 182 21.51 4.75 6.22
C PRO B 182 22.31 6.00 5.91
N ARG B 183 23.48 5.82 5.31
CA ARG B 183 24.21 6.94 4.73
C ARG B 183 23.70 7.10 3.31
N TYR B 184 22.72 7.99 3.15
CA TYR B 184 22.02 8.14 1.89
C TYR B 184 22.94 8.49 0.72
N GLY B 185 24.05 9.16 1.03
CA GLY B 185 25.03 9.55 0.04
C GLY B 185 26.11 8.52 -0.17
N GLY B 186 26.04 7.43 0.57
CA GLY B 186 27.07 6.41 0.49
C GLY B 186 28.17 6.67 1.50
N HIS B 187 29.01 5.67 1.72
CA HIS B 187 30.00 5.63 2.79
C HIS B 187 30.79 6.92 3.04
N LEU B 188 31.08 7.66 1.96
CA LEU B 188 31.89 8.86 2.06
C LEU B 188 31.09 10.15 2.23
N ALA B 189 29.91 10.06 2.84
CA ALA B 189 29.07 11.25 2.94
C ALA B 189 28.26 11.36 4.23
N ASN B 190 28.02 12.59 4.66
CA ASN B 190 27.15 12.87 5.80
C ASN B 190 25.74 13.15 5.33
N ASN B 191 24.75 12.73 6.10
CA ASN B 191 23.36 13.01 5.75
C ASN B 191 23.01 14.49 5.89
N ASN B 192 22.02 14.94 5.11
CA ASN B 192 21.51 16.30 5.26
C ASN B 192 19.99 16.36 5.08
N HIS B 193 19.41 17.50 5.43
CA HIS B 193 17.97 17.70 5.31
C HIS B 193 17.18 16.67 6.12
N LEU B 194 17.79 16.09 7.13
CA LEU B 194 17.11 15.08 7.95
C LEU B 194 15.96 15.67 8.77
N ALA B 195 14.84 14.96 8.78
CA ALA B 195 13.82 15.25 9.78
C ALA B 195 14.48 15.03 11.15
N PRO B 196 14.17 15.90 12.13
CA PRO B 196 14.84 15.86 13.44
C PRO B 196 14.46 14.65 14.27
N ALA B 197 15.36 14.22 15.14
CA ALA B 197 15.03 13.21 16.14
C ALA B 197 13.87 13.73 16.97
N VAL B 198 13.08 12.82 17.55
CA VAL B 198 11.97 13.22 18.41
C VAL B 198 12.08 12.56 19.77
N SER B 199 11.55 13.23 20.79
CA SER B 199 11.50 12.64 22.13
C SER B 199 10.42 13.33 22.96
N PRO B 200 9.98 12.66 24.03
CA PRO B 200 9.01 13.27 24.93
C PRO B 200 9.73 14.28 25.79
N LEU B 201 9.25 15.51 25.84
CA LEU B 201 9.88 16.52 26.68
C LEU B 201 9.13 16.71 27.99
N PHE B 202 7.89 16.22 28.05
CA PHE B 202 7.08 16.37 29.26
C PHE B 202 7.28 15.20 30.20
N PRO B 203 7.48 15.47 31.49
CA PRO B 203 7.72 14.42 32.48
C PRO B 203 6.55 13.42 32.55
N GLY B 204 6.89 12.14 32.56
CA GLY B 204 5.88 11.09 32.62
C GLY B 204 5.37 10.64 31.26
N GLU B 205 5.77 11.32 30.20
CA GLU B 205 5.31 10.95 28.86
C GLU B 205 6.32 10.13 28.07
N GLN B 206 5.79 9.30 27.16
CA GLN B 206 6.59 8.57 26.20
C GLN B 206 5.93 8.72 24.84
N ILE B 207 6.70 8.51 23.77
CA ILE B 207 6.16 8.55 22.41
C ILE B 207 5.27 7.34 22.18
N LEU B 208 4.14 7.57 21.51
CA LEU B 208 3.26 6.48 21.10
C LEU B 208 3.64 6.06 19.66
N PHE B 209 4.02 4.80 19.48
CA PHE B 209 4.40 4.30 18.16
C PHE B 209 3.30 3.46 17.54
N PHE B 210 3.27 3.43 16.21
CA PHE B 210 2.39 2.53 15.50
C PHE B 210 3.27 1.44 14.90
N ARG B 211 3.15 0.26 15.48
CA ARG B 211 4.06 -0.85 15.21
C ARG B 211 3.49 -1.89 14.26
N SER B 212 4.33 -2.30 13.30
CA SER B 212 4.04 -3.47 12.48
C SER B 212 5.12 -4.53 12.69
N PHE B 213 4.76 -5.79 12.49
CA PHE B 213 5.75 -6.87 12.42
C PHE B 213 5.93 -7.26 10.96
N ILE B 214 6.95 -6.70 10.33
CA ILE B 214 7.17 -6.95 8.92
C ILE B 214 7.69 -8.37 8.70
N PRO B 215 7.45 -8.91 7.50
CA PRO B 215 7.86 -10.29 7.26
C PRO B 215 9.38 -10.48 7.36
N GLY B 216 9.79 -11.62 7.90
CA GLY B 216 11.19 -12.02 7.86
C GLY B 216 11.37 -13.10 6.81
N ALA B 217 12.48 -13.04 6.08
CA ALA B 217 12.73 -13.97 4.98
C ALA B 217 13.75 -15.04 5.35
N SER B 218 14.44 -14.82 6.47
CA SER B 218 15.46 -15.74 6.93
C SER B 218 15.98 -15.28 8.29
N GLY B 219 16.42 -16.22 9.12
CA GLY B 219 16.87 -15.89 10.44
C GLY B 219 15.82 -15.54 11.48
N HIS B 220 16.28 -15.05 12.60
CA HIS B 220 15.37 -14.73 13.67
C HIS B 220 15.14 -13.25 13.80
N THR B 221 13.90 -12.85 13.69
CA THR B 221 13.57 -11.45 13.88
C THR B 221 12.08 -11.28 14.10
N ASN B 222 11.76 -10.41 15.05
CA ASN B 222 10.38 -10.02 15.30
C ASN B 222 9.88 -9.03 14.25
N GLY B 223 10.80 -8.55 13.41
CA GLY B 223 10.47 -7.60 12.35
C GLY B 223 9.78 -6.33 12.81
N GLU B 224 10.06 -5.90 14.04
CA GLU B 224 9.40 -4.72 14.61
C GLU B 224 9.75 -3.43 13.86
N MET B 225 8.72 -2.74 13.37
CA MET B 225 8.92 -1.50 12.63
C MET B 225 7.95 -0.44 13.17
N ASP B 226 8.50 0.55 13.87
CA ASP B 226 7.69 1.57 14.55
C ASP B 226 7.66 2.87 13.77
N CYS B 227 6.46 3.35 13.47
CA CYS B 227 6.32 4.65 12.83
C CYS B 227 5.62 5.63 13.77
N LEU B 228 5.85 6.93 13.55
CA LEU B 228 5.32 7.98 14.42
C LEU B 228 3.87 8.34 14.11
N LEU B 229 3.47 8.09 12.86
CA LEU B 229 2.13 8.42 12.37
C LEU B 229 1.75 7.39 11.34
N PRO B 230 0.50 6.89 11.41
CA PRO B 230 0.08 6.01 10.32
C PRO B 230 0.09 6.81 9.02
N GLN B 231 0.31 6.14 7.89
CA GLN B 231 0.41 6.85 6.62
C GLN B 231 -0.86 7.67 6.37
N GLU B 232 -2.00 7.16 6.85
CA GLU B 232 -3.29 7.84 6.66
C GLU B 232 -3.29 9.24 7.27
N PHE B 233 -2.58 9.42 8.38
CA PHE B 233 -2.48 10.73 9.02
C PHE B 233 -1.58 11.63 8.19
N VAL B 234 -0.46 11.07 7.73
CA VAL B 234 0.41 11.81 6.82
C VAL B 234 -0.41 12.33 5.62
N GLN B 235 -1.16 11.45 4.98
CA GLN B 235 -1.97 11.83 3.82
C GLN B 235 -3.03 12.87 4.17
N HIS B 236 -3.66 12.68 5.32
CA HIS B 236 -4.72 13.61 5.73
C HIS B 236 -4.16 15.01 5.95
N PHE B 237 -3.07 15.12 6.71
CA PHE B 237 -2.49 16.43 7.02
C PHE B 237 -2.06 17.12 5.73
N TYR B 238 -1.47 16.34 4.83
CA TYR B 238 -1.07 16.83 3.52
C TYR B 238 -2.26 17.42 2.77
N GLN B 239 -3.36 16.68 2.72
CA GLN B 239 -4.57 17.11 2.01
C GLN B 239 -5.17 18.34 2.64
N GLU B 240 -5.26 18.33 3.96
CA GLU B 240 -6.03 19.34 4.67
C GLU B 240 -5.27 20.64 4.82
N ALA B 241 -3.98 20.51 5.09
CA ALA B 241 -3.13 21.66 5.34
C ALA B 241 -3.81 22.62 6.31
N ALA B 242 -4.43 22.09 7.36
CA ALA B 242 -5.11 22.94 8.34
C ALA B 242 -4.10 23.65 9.23
N THR B 243 -4.39 24.90 9.60
CA THR B 243 -3.48 25.64 10.45
C THR B 243 -3.53 25.09 11.88
N ALA B 244 -2.35 24.90 12.46
CA ALA B 244 -2.23 24.42 13.82
C ALA B 244 -2.50 25.58 14.78
N ARG B 245 -3.61 25.52 15.51
CA ARG B 245 -3.99 26.61 16.41
C ARG B 245 -3.17 26.62 17.70
N SER B 246 -2.43 25.55 17.93
CA SER B 246 -1.52 25.52 19.07
C SER B 246 -0.44 24.50 18.77
N GLU B 247 0.45 24.28 19.72
CA GLU B 247 1.56 23.36 19.53
C GLU B 247 1.13 21.90 19.62
N VAL B 248 -0.02 21.66 20.25
CA VAL B 248 -0.45 20.29 20.52
C VAL B 248 -1.94 20.09 20.25
N ALA B 249 -2.26 19.10 19.42
CA ALA B 249 -3.65 18.68 19.22
C ALA B 249 -3.97 17.56 20.19
N LEU B 250 -4.96 17.77 21.05
CA LEU B 250 -5.36 16.75 22.00
C LEU B 250 -6.27 15.74 21.33
N LEU B 251 -5.90 14.47 21.39
CA LEU B 251 -6.68 13.39 20.80
C LEU B 251 -7.15 12.47 21.90
N ARG B 252 -8.28 11.83 21.65
CA ARG B 252 -8.89 10.90 22.60
C ARG B 252 -9.18 9.57 21.89
N PHE B 253 -8.71 8.47 22.49
CA PHE B 253 -9.01 7.13 21.98
C PHE B 253 -10.35 6.68 22.54
N VAL B 254 -11.36 6.65 21.67
CA VAL B 254 -12.71 6.33 22.08
C VAL B 254 -13.11 4.93 21.60
N ASN B 255 -13.94 4.26 22.39
CA ASN B 255 -14.46 2.94 22.03
C ASN B 255 -15.91 3.04 21.61
N PRO B 256 -16.17 3.01 20.30
CA PRO B 256 -17.54 3.16 19.77
C PRO B 256 -18.48 2.09 20.28
N ASP B 257 -17.92 0.98 20.74
CA ASP B 257 -18.73 -0.13 21.26
C ASP B 257 -19.46 0.24 22.54
N THR B 258 -18.83 1.09 23.36
CA THR B 258 -19.37 1.43 24.66
C THR B 258 -19.71 2.91 24.77
N GLY B 259 -19.12 3.71 23.89
CA GLY B 259 -19.29 5.15 23.96
C GLY B 259 -18.33 5.82 24.94
N ARG B 260 -17.55 5.02 25.67
CA ARG B 260 -16.61 5.56 26.64
C ARG B 260 -15.21 5.68 26.03
N ALA B 261 -14.40 6.60 26.58
CA ALA B 261 -13.02 6.80 26.11
C ALA B 261 -12.02 6.07 27.00
N LEU B 262 -10.84 5.76 26.44
CA LEU B 262 -9.87 4.91 27.13
C LEU B 262 -8.59 5.62 27.58
N PHE B 263 -8.11 6.54 26.74
CA PHE B 263 -6.97 7.38 27.07
C PHE B 263 -6.90 8.56 26.12
N GLU B 264 -6.09 9.55 26.49
CA GLU B 264 -5.85 10.71 25.63
C GLU B 264 -4.37 10.77 25.23
N SER B 265 -4.11 11.40 24.09
CA SER B 265 -2.74 11.48 23.58
C SER B 265 -2.52 12.86 23.02
N LYS B 266 -1.27 13.32 23.09
CA LYS B 266 -0.92 14.64 22.58
C LYS B 266 -0.26 14.52 21.20
N LEU B 267 -0.97 15.00 20.19
CA LEU B 267 -0.43 15.03 18.84
C LEU B 267 0.32 16.33 18.67
N HIS B 268 1.65 16.25 18.66
CA HIS B 268 2.47 17.45 18.55
C HIS B 268 2.50 17.96 17.12
N LYS B 269 2.52 19.27 16.99
CA LYS B 269 2.50 19.94 15.69
C LYS B 269 3.54 19.39 14.71
N GLN B 270 4.71 19.02 15.22
CA GLN B 270 5.75 18.57 14.29
C GLN B 270 5.60 17.10 13.88
N GLY B 271 4.55 16.46 14.34
CA GLY B 271 4.16 15.17 13.79
C GLY B 271 4.60 13.92 14.53
N PHE B 272 4.29 13.88 15.82
CA PHE B 272 4.42 12.65 16.59
C PHE B 272 3.48 12.74 17.78
N MET B 273 3.18 11.59 18.41
CA MET B 273 2.21 11.56 19.50
C MET B 273 2.88 11.08 20.78
N THR B 274 2.46 11.65 21.91
CA THR B 274 2.94 11.15 23.19
C THR B 274 1.77 10.75 24.06
N ILE B 275 2.04 9.86 25.02
CA ILE B 275 1.06 9.49 26.01
C ILE B 275 1.72 9.51 27.37
N ALA B 276 0.92 9.53 28.43
CA ALA B 276 1.44 9.35 29.76
C ALA B 276 1.59 7.87 30.01
N SER B 277 2.83 7.38 29.93
CA SER B 277 3.10 5.96 30.18
C SER B 277 4.55 5.76 30.57
N SER B 278 4.81 4.62 31.20
CA SER B 278 6.16 4.30 31.65
C SER B 278 6.49 2.84 31.32
N GLY B 279 7.53 2.63 30.53
CA GLY B 279 7.96 1.28 30.20
C GLY B 279 7.79 0.92 28.75
N ASP B 280 8.34 -0.22 28.35
CA ASP B 280 8.24 -0.70 26.98
C ASP B 280 7.13 -1.76 26.89
N HIS B 281 6.05 -1.44 26.18
CA HIS B 281 4.96 -2.38 26.06
C HIS B 281 3.93 -2.00 25.02
N PRO B 282 3.19 -2.99 24.50
CA PRO B 282 2.10 -2.75 23.57
C PRO B 282 0.97 -2.04 24.28
N ILE B 283 0.20 -1.27 23.53
CA ILE B 283 -1.00 -0.63 24.06
C ILE B 283 -2.18 -1.30 23.39
N ILE B 284 -2.72 -2.31 24.05
CA ILE B 284 -3.82 -3.10 23.52
C ILE B 284 -5.16 -2.48 23.90
N MET B 285 -6.03 -2.32 22.92
CA MET B 285 -7.29 -1.61 23.11
C MET B 285 -8.40 -2.35 22.38
N PRO B 286 -9.65 -2.11 22.77
CA PRO B 286 -10.74 -2.70 21.99
C PRO B 286 -10.52 -2.44 20.51
N THR B 287 -10.74 -3.46 19.67
CA THR B 287 -10.38 -3.39 18.25
C THR B 287 -11.11 -2.32 17.44
N ASN B 288 -12.32 -1.96 17.84
CA ASN B 288 -13.05 -0.88 17.17
C ASN B 288 -12.66 0.53 17.60
N GLY B 289 -11.72 0.65 18.54
CA GLY B 289 -11.35 1.95 19.07
C GLY B 289 -10.67 2.83 18.03
N TYR B 290 -10.81 4.14 18.17
CA TYR B 290 -10.11 5.09 17.28
C TYR B 290 -9.86 6.42 17.95
N PHE B 291 -8.90 7.15 17.41
CA PHE B 291 -8.61 8.50 17.87
C PHE B 291 -9.58 9.52 17.31
N ARG B 292 -9.94 10.48 18.16
CA ARG B 292 -10.78 11.61 17.80
C ARG B 292 -10.08 12.87 18.28
N PHE B 293 -10.14 13.96 17.50
CA PHE B 293 -9.62 15.26 17.89
C PHE B 293 -10.54 15.94 18.89
N GLU B 294 -9.98 16.46 19.98
CA GLU B 294 -10.78 17.06 21.05
C GLU B 294 -10.55 18.56 21.21
N ALA B 295 -9.29 18.98 21.30
CA ALA B 295 -8.99 20.38 21.57
C ALA B 295 -7.56 20.76 21.22
N TRP B 296 -7.33 22.06 21.13
CA TRP B 296 -5.98 22.60 20.97
C TRP B 296 -5.41 22.95 22.32
N VAL B 297 -4.45 22.16 22.78
CA VAL B 297 -3.84 22.40 24.08
C VAL B 297 -2.36 22.76 23.88
N ASN B 298 -1.63 22.94 24.96
CA ASN B 298 -0.20 23.20 24.83
C ASN B 298 0.64 22.03 25.32
N GLN B 299 1.95 22.15 25.19
CA GLN B 299 2.86 21.05 25.48
C GLN B 299 2.90 20.67 26.96
N PHE B 300 2.27 21.47 27.81
CA PHE B 300 2.23 21.16 29.25
C PHE B 300 0.89 20.57 29.69
N TYR B 301 0.01 20.30 28.73
CA TYR B 301 -1.23 19.61 29.05
C TYR B 301 -0.90 18.29 29.73
N SER B 302 -1.54 18.01 30.85
CA SER B 302 -1.20 16.84 31.66
C SER B 302 -2.18 15.68 31.48
N LEU B 303 -1.66 14.55 31.03
CA LEU B 303 -2.47 13.39 30.69
C LEU B 303 -2.51 12.35 31.79
N ALA B 304 -3.66 11.71 31.98
CA ALA B 304 -3.77 10.54 32.83
C ALA B 304 -3.09 9.36 32.16
N PRO B 305 -2.38 8.54 32.95
CA PRO B 305 -1.59 7.43 32.42
C PRO B 305 -2.46 6.41 31.68
N VAL B 306 -1.88 5.68 30.74
CA VAL B 306 -2.68 4.71 29.99
C VAL B 306 -2.91 3.46 30.82
#